data_1FND
#
_entry.id   1FND
#
_cell.length_a   90.700
_cell.length_b   57.700
_cell.length_c   68.100
_cell.angle_alpha   90.00
_cell.angle_beta   100.00
_cell.angle_gamma   90.00
#
_symmetry.space_group_name_H-M   'C 1 2 1'
#
loop_
_entity.id
_entity.type
_entity.pdbx_description
1 polymer 'FERREDOXIN-NADP+ REDUCTASE'
2 non-polymer 'SULFATE ION'
3 non-polymer 'FLAVIN-ADENINE DINUCLEOTIDE'
4 non-polymer "ADENOSINE-2'-5'-DIPHOSPHATE"
5 water water
#
_entity_poly.entity_id   1
_entity_poly.type   'polypeptide(L)'
_entity_poly.pdbx_seq_one_letter_code
;QIASDVEAPPPAPAKVEKHSKKMEEGITVNKFKPKTPYVGRCLLNTKITGDDAPGETWHMVFSHEGEIPYREGQSVGVIP
DGEDKNGKPHKLRLYSIASSALGDFGDAKSVSLCVKRLIYTNDAGETIKGVCSNFLCDLKPGAEVKLTGPVGKEMLMPKD
PNATIIMLGTGTGIAPFRSFLWKMFFEKHDDYKFNGLAWLFLGVPTSSSLLYKEEFEKMKEKAPDNFRLDFAVSREQTNE
KGEKMYIQTRMAQYAVELWEMLKKDNTYVYMCGLKGMEKGIDDIMVSLAAAEGIDWIEYKRQLKKAEQWNVEVY
;
_entity_poly.pdbx_strand_id   A
#
# COMPACT_ATOMS: atom_id res chain seq x y z
N HIS A 19 23.28 -7.83 7.18
CA HIS A 19 23.41 -6.71 6.24
C HIS A 19 22.14 -5.87 6.05
N SER A 20 21.01 -6.51 5.79
CA SER A 20 19.84 -5.71 5.57
C SER A 20 19.26 -5.18 6.85
N LYS A 21 18.64 -4.02 6.75
CA LYS A 21 17.90 -3.42 7.85
C LYS A 21 16.44 -3.87 7.84
N LYS A 22 16.09 -4.60 6.77
CA LYS A 22 14.75 -5.08 6.59
C LYS A 22 14.62 -6.54 6.81
N MET A 23 13.39 -6.98 6.99
CA MET A 23 13.04 -8.36 7.32
C MET A 23 13.05 -9.25 6.10
N GLU A 24 14.24 -9.43 5.62
CA GLU A 24 14.52 -10.09 4.39
C GLU A 24 14.87 -11.56 4.53
N GLU A 25 15.16 -12.01 5.73
CA GLU A 25 15.59 -13.37 5.94
C GLU A 25 14.46 -14.41 5.84
N GLY A 26 14.74 -15.40 4.96
CA GLY A 26 13.87 -16.51 4.70
C GLY A 26 12.59 -16.13 3.95
N ILE A 27 12.61 -15.04 3.12
CA ILE A 27 11.41 -14.67 2.38
C ILE A 27 11.27 -15.66 1.24
N THR A 28 10.04 -15.78 0.70
CA THR A 28 9.81 -16.65 -0.47
C THR A 28 9.52 -15.77 -1.64
N VAL A 29 9.99 -16.17 -2.80
CA VAL A 29 9.75 -15.37 -3.94
C VAL A 29 9.43 -16.25 -5.13
N ASN A 30 8.31 -15.99 -5.79
CA ASN A 30 8.00 -16.75 -6.95
C ASN A 30 7.96 -18.25 -6.76
N LYS A 31 7.37 -18.64 -5.64
CA LYS A 31 7.10 -19.99 -5.44
C LYS A 31 6.23 -20.41 -6.61
N PHE A 32 5.22 -19.54 -7.00
CA PHE A 32 4.29 -19.78 -8.13
C PHE A 32 4.58 -18.78 -9.23
N LYS A 33 4.58 -19.25 -10.47
CA LYS A 33 4.88 -18.42 -11.60
C LYS A 33 3.76 -18.48 -12.58
N PRO A 34 3.81 -17.58 -13.48
CA PRO A 34 2.78 -17.51 -14.49
C PRO A 34 2.57 -18.81 -15.26
N LYS A 35 3.63 -19.60 -15.55
CA LYS A 35 3.31 -20.79 -16.29
C LYS A 35 2.68 -21.76 -15.36
N THR A 36 2.86 -21.56 -14.06
CA THR A 36 2.24 -22.50 -13.12
C THR A 36 1.71 -21.82 -11.87
N PRO A 37 0.68 -21.11 -12.03
CA PRO A 37 0.09 -20.36 -10.95
C PRO A 37 -0.52 -21.24 -9.84
N TYR A 38 -0.83 -20.61 -8.71
CA TYR A 38 -1.54 -21.30 -7.67
C TYR A 38 -3.00 -20.96 -7.93
N VAL A 39 -3.94 -21.92 -7.85
CA VAL A 39 -5.31 -21.60 -8.06
C VAL A 39 -6.10 -21.51 -6.78
N GLY A 40 -6.46 -20.31 -6.36
CA GLY A 40 -7.17 -20.13 -5.10
C GLY A 40 -8.61 -19.81 -5.37
N ARG A 41 -9.40 -19.61 -4.29
CA ARG A 41 -10.83 -19.29 -4.45
C ARG A 41 -11.23 -18.00 -3.72
N CYS A 42 -12.20 -17.25 -4.30
CA CYS A 42 -12.71 -16.10 -3.70
C CYS A 42 -13.59 -16.47 -2.49
N LEU A 43 -13.29 -15.90 -1.30
CA LEU A 43 -14.10 -16.03 -0.12
C LEU A 43 -15.07 -14.94 0.06
N LEU A 44 -14.59 -13.70 -0.07
CA LEU A 44 -15.39 -12.47 0.07
C LEU A 44 -14.89 -11.41 -0.87
N ASN A 45 -15.81 -10.54 -1.21
CA ASN A 45 -15.53 -9.44 -2.13
C ASN A 45 -16.54 -8.35 -1.81
N THR A 46 -16.08 -7.27 -1.20
CA THR A 46 -16.97 -6.20 -0.74
C THR A 46 -16.52 -4.85 -1.27
N LYS A 47 -17.46 -4.00 -1.66
CA LYS A 47 -17.15 -2.64 -2.06
C LYS A 47 -16.91 -1.77 -0.80
N ILE A 48 -15.74 -1.17 -0.68
CA ILE A 48 -15.46 -0.42 0.53
C ILE A 48 -15.49 1.09 0.35
N THR A 49 -15.89 1.54 -0.84
CA THR A 49 -16.06 2.98 -1.06
C THR A 49 -17.56 3.27 -1.13
N GLY A 50 -17.97 4.50 -0.83
CA GLY A 50 -19.39 4.85 -0.88
C GLY A 50 -19.85 5.15 -2.29
N ASP A 51 -21.15 5.21 -2.45
CA ASP A 51 -21.69 5.51 -3.78
C ASP A 51 -21.27 6.88 -4.28
N ASP A 52 -21.12 7.78 -3.32
CA ASP A 52 -20.58 9.06 -3.64
C ASP A 52 -19.20 8.95 -4.41
N ALA A 53 -18.23 8.17 -3.89
CA ALA A 53 -16.92 8.05 -4.46
C ALA A 53 -16.82 8.05 -5.99
N PRO A 54 -15.71 8.59 -6.48
CA PRO A 54 -15.36 8.63 -7.89
C PRO A 54 -14.60 7.38 -8.21
N GLY A 55 -15.35 6.34 -8.41
CA GLY A 55 -14.68 5.09 -8.66
C GLY A 55 -14.96 4.14 -7.52
N GLU A 56 -14.74 2.86 -7.79
CA GLU A 56 -15.03 1.84 -6.84
C GLU A 56 -13.73 1.22 -6.45
N THR A 57 -13.66 0.89 -5.17
CA THR A 57 -12.52 0.16 -4.62
C THR A 57 -13.16 -0.98 -3.80
N TRP A 58 -12.62 -2.19 -3.99
CA TRP A 58 -13.14 -3.36 -3.39
C TRP A 58 -12.04 -4.01 -2.58
N HIS A 59 -12.47 -4.67 -1.48
CA HIS A 59 -11.51 -5.47 -0.65
C HIS A 59 -11.91 -6.92 -0.86
N MET A 60 -11.04 -7.76 -1.33
CA MET A 60 -11.42 -9.12 -1.63
C MET A 60 -10.43 -10.05 -0.97
N VAL A 61 -10.90 -11.23 -0.53
CA VAL A 61 -10.07 -12.16 0.20
C VAL A 61 -10.13 -13.51 -0.48
N PHE A 62 -8.98 -14.09 -0.70
CA PHE A 62 -8.87 -15.36 -1.38
C PHE A 62 -8.25 -16.43 -0.48
N SER A 63 -8.65 -17.67 -0.66
CA SER A 63 -8.06 -18.80 0.04
C SER A 63 -6.79 -19.30 -0.63
N HIS A 64 -5.73 -19.57 0.11
CA HIS A 64 -4.53 -20.08 -0.53
C HIS A 64 -4.04 -21.26 0.24
N GLU A 65 -4.84 -21.56 1.25
CA GLU A 65 -4.59 -22.68 2.17
C GLU A 65 -3.17 -22.73 2.69
N GLY A 66 -2.49 -21.65 2.92
CA GLY A 66 -1.14 -21.76 3.43
C GLY A 66 -0.09 -22.01 2.37
N GLU A 67 -0.50 -22.05 1.07
CA GLU A 67 0.51 -22.37 0.02
C GLU A 67 1.33 -21.23 -0.42
N ILE A 68 0.86 -20.01 -0.12
CA ILE A 68 1.61 -18.83 -0.48
C ILE A 68 2.15 -18.18 0.77
N PRO A 69 3.38 -18.45 1.09
CA PRO A 69 3.98 -17.96 2.31
C PRO A 69 4.55 -16.52 2.19
N TYR A 70 3.68 -15.55 2.07
CA TYR A 70 4.14 -14.17 1.91
C TYR A 70 4.51 -13.46 3.22
N ARG A 71 5.24 -12.36 3.11
CA ARG A 71 5.51 -11.47 4.24
C ARG A 71 4.88 -10.08 3.99
N GLU A 72 4.63 -9.24 5.03
CA GLU A 72 4.09 -7.88 4.92
C GLU A 72 4.92 -7.02 3.93
N GLY A 73 4.28 -6.33 2.96
CA GLY A 73 5.09 -5.53 2.02
C GLY A 73 5.23 -6.21 0.62
N GLN A 74 4.98 -7.53 0.50
CA GLN A 74 5.11 -8.19 -0.79
C GLN A 74 3.88 -8.05 -1.62
N SER A 75 4.00 -8.49 -2.86
CA SER A 75 2.86 -8.42 -3.82
C SER A 75 2.56 -9.84 -4.34
N VAL A 76 1.37 -10.02 -4.95
CA VAL A 76 1.09 -11.23 -5.69
C VAL A 76 0.78 -10.83 -7.16
N GLY A 77 0.91 -11.76 -8.07
CA GLY A 77 0.44 -11.52 -9.44
C GLY A 77 -0.90 -12.21 -9.62
N VAL A 78 -1.82 -11.57 -10.35
CA VAL A 78 -3.06 -12.15 -10.70
C VAL A 78 -3.08 -12.34 -12.25
N ILE A 79 -3.49 -13.51 -12.73
CA ILE A 79 -3.70 -13.74 -14.17
C ILE A 79 -5.17 -13.81 -14.44
N PRO A 80 -5.67 -12.73 -15.00
CA PRO A 80 -7.07 -12.66 -15.28
C PRO A 80 -7.42 -13.75 -16.30
N ASP A 81 -8.60 -14.31 -16.10
CA ASP A 81 -9.14 -15.36 -17.02
C ASP A 81 -9.41 -14.81 -18.43
N GLY A 82 -9.24 -15.64 -19.48
CA GLY A 82 -9.45 -15.26 -20.87
C GLY A 82 -8.15 -15.25 -21.69
N GLU A 83 -8.18 -14.69 -22.90
CA GLU A 83 -6.99 -14.65 -23.71
C GLU A 83 -6.68 -13.31 -24.24
N ASP A 84 -5.46 -13.12 -24.56
CA ASP A 84 -5.24 -11.86 -25.16
C ASP A 84 -5.69 -11.93 -26.63
N LYS A 85 -5.38 -10.89 -27.38
CA LYS A 85 -5.85 -10.81 -28.74
C LYS A 85 -5.15 -11.79 -29.64
N ASN A 86 -4.08 -12.39 -29.13
CA ASN A 86 -3.37 -13.42 -29.83
C ASN A 86 -3.70 -14.76 -29.29
N GLY A 87 -4.80 -14.86 -28.57
CA GLY A 87 -5.23 -16.15 -28.07
C GLY A 87 -4.30 -16.72 -26.98
N LYS A 88 -3.53 -15.85 -26.35
CA LYS A 88 -2.67 -16.25 -25.26
C LYS A 88 -3.32 -15.80 -23.96
N PRO A 89 -2.83 -16.35 -22.89
CA PRO A 89 -3.30 -15.93 -21.61
C PRO A 89 -2.83 -14.49 -21.31
N HIS A 90 -3.67 -13.77 -20.58
CA HIS A 90 -3.40 -12.42 -20.24
C HIS A 90 -2.12 -12.37 -19.47
N LYS A 91 -1.48 -11.22 -19.53
CA LYS A 91 -0.26 -10.98 -18.79
C LYS A 91 -0.68 -10.77 -17.31
N LEU A 92 0.24 -11.17 -16.38
CA LEU A 92 -0.09 -10.89 -15.00
C LEU A 92 -0.10 -9.40 -14.72
N ARG A 93 -0.97 -9.01 -13.74
CA ARG A 93 -0.96 -7.71 -13.09
C ARG A 93 -0.50 -7.94 -11.63
N LEU A 94 0.31 -7.00 -11.12
CA LEU A 94 0.73 -7.07 -9.70
C LEU A 94 -0.20 -6.28 -8.74
N TYR A 95 -0.39 -6.84 -7.48
CA TYR A 95 -1.22 -6.15 -6.49
C TYR A 95 -0.53 -6.26 -5.16
N SER A 96 -0.33 -5.14 -4.45
CA SER A 96 0.28 -5.31 -3.11
C SER A 96 -0.68 -6.06 -2.20
N ILE A 97 -0.15 -6.90 -1.31
CA ILE A 97 -1.04 -7.63 -0.40
C ILE A 97 -1.48 -6.63 0.68
N ALA A 98 -2.79 -6.63 0.96
CA ALA A 98 -3.47 -5.68 1.85
C ALA A 98 -3.68 -6.33 3.20
N SER A 99 -3.30 -7.61 3.31
CA SER A 99 -3.46 -8.39 4.57
C SER A 99 -2.10 -8.66 5.19
N SER A 100 -2.01 -8.84 6.53
CA SER A 100 -0.74 -9.24 7.16
C SER A 100 -0.47 -10.72 6.83
N ALA A 101 0.68 -11.20 7.19
CA ALA A 101 1.00 -12.59 6.94
C ALA A 101 0.02 -13.59 7.49
N LEU A 102 -0.60 -13.29 8.66
CA LEU A 102 -1.61 -14.21 9.24
C LEU A 102 -2.93 -14.02 8.52
N GLY A 103 -3.10 -12.83 7.98
CA GLY A 103 -4.34 -12.67 7.24
C GLY A 103 -5.45 -12.16 8.05
N ASP A 104 -6.53 -11.81 7.37
CA ASP A 104 -7.67 -11.15 7.99
C ASP A 104 -8.41 -12.11 8.96
N PHE A 105 -8.15 -13.41 8.84
CA PHE A 105 -8.77 -14.41 9.70
C PHE A 105 -7.84 -14.95 10.74
N GLY A 106 -6.64 -14.49 10.72
CA GLY A 106 -5.64 -14.91 11.68
C GLY A 106 -5.07 -16.31 11.55
N ASP A 107 -5.29 -17.02 10.43
CA ASP A 107 -4.83 -18.38 10.34
C ASP A 107 -3.80 -18.62 9.30
N ALA A 108 -3.33 -17.56 8.68
CA ALA A 108 -2.33 -17.70 7.65
C ALA A 108 -2.77 -18.50 6.43
N LYS A 109 -4.05 -18.56 6.13
CA LYS A 109 -4.48 -19.33 4.95
C LYS A 109 -5.19 -18.48 3.93
N SER A 110 -5.30 -17.14 4.15
CA SER A 110 -5.97 -16.31 3.19
C SER A 110 -5.08 -15.14 2.78
N VAL A 111 -5.47 -14.45 1.68
CA VAL A 111 -4.71 -13.24 1.24
C VAL A 111 -5.75 -12.21 0.76
N SER A 112 -5.55 -10.93 1.07
CA SER A 112 -6.49 -9.93 0.71
C SER A 112 -5.83 -8.91 -0.21
N LEU A 113 -6.66 -8.38 -1.10
CA LEU A 113 -6.32 -7.35 -2.09
C LEU A 113 -7.31 -6.21 -1.94
N CYS A 114 -6.77 -5.01 -2.29
CA CYS A 114 -7.48 -3.77 -2.33
C CYS A 114 -7.42 -3.32 -3.80
N VAL A 115 -8.50 -3.31 -4.49
CA VAL A 115 -8.42 -3.07 -5.93
C VAL A 115 -9.39 -2.02 -6.43
N LYS A 116 -8.83 -1.04 -7.19
CA LYS A 116 -9.65 -0.03 -7.79
C LYS A 116 -10.17 -0.53 -9.16
N ARG A 117 -11.46 -0.36 -9.45
CA ARG A 117 -11.98 -0.77 -10.75
C ARG A 117 -11.55 0.28 -11.77
N LEU A 118 -10.78 -0.12 -12.79
CA LEU A 118 -10.28 0.82 -13.76
C LEU A 118 -11.25 0.92 -14.96
N ILE A 119 -11.80 2.12 -15.13
CA ILE A 119 -12.65 2.45 -16.25
C ILE A 119 -12.17 3.72 -16.93
N TYR A 120 -12.01 3.63 -18.25
CA TYR A 120 -11.60 4.76 -19.10
C TYR A 120 -12.26 4.75 -20.50
N THR A 121 -12.10 5.86 -21.24
CA THR A 121 -12.62 6.12 -22.58
C THR A 121 -11.43 6.17 -23.53
N ASN A 122 -11.53 5.46 -24.64
CA ASN A 122 -10.40 5.49 -25.50
C ASN A 122 -10.41 6.73 -26.35
N ASP A 123 -9.59 6.63 -27.39
CA ASP A 123 -9.42 7.65 -28.39
C ASP A 123 -10.76 8.00 -29.08
N ALA A 124 -11.66 7.02 -29.22
CA ALA A 124 -12.87 7.19 -29.96
C ALA A 124 -14.04 7.50 -29.06
N GLY A 125 -13.71 7.86 -27.83
CA GLY A 125 -14.83 8.14 -26.90
C GLY A 125 -15.51 6.89 -26.34
N GLU A 126 -14.97 5.71 -26.68
CA GLU A 126 -15.57 4.49 -26.20
C GLU A 126 -15.06 4.16 -24.77
N THR A 127 -15.96 3.63 -23.94
CA THR A 127 -15.61 3.26 -22.57
C THR A 127 -14.89 1.98 -22.50
N ILE A 128 -13.75 1.97 -21.91
CA ILE A 128 -12.97 0.77 -21.82
C ILE A 128 -12.79 0.42 -20.37
N LYS A 129 -12.98 -0.85 -20.07
CA LYS A 129 -12.82 -1.41 -18.71
C LYS A 129 -11.43 -2.02 -18.56
N GLY A 130 -10.70 -1.72 -17.49
CA GLY A 130 -9.40 -2.40 -17.39
C GLY A 130 -9.62 -3.92 -17.16
N VAL A 131 -8.79 -4.74 -17.78
CA VAL A 131 -8.94 -6.18 -17.78
C VAL A 131 -8.90 -6.85 -16.39
N CYS A 132 -7.77 -6.73 -15.73
CA CYS A 132 -7.67 -7.42 -14.48
C CYS A 132 -8.54 -6.80 -13.42
N SER A 133 -8.54 -5.48 -13.36
CA SER A 133 -9.34 -4.81 -12.31
C SER A 133 -10.80 -5.11 -12.34
N ASN A 134 -11.37 -5.16 -13.55
CA ASN A 134 -12.79 -5.50 -13.62
C ASN A 134 -13.08 -7.00 -13.39
N PHE A 135 -12.10 -7.83 -13.77
CA PHE A 135 -12.20 -9.23 -13.51
C PHE A 135 -12.25 -9.49 -12.01
N LEU A 136 -11.31 -8.86 -11.33
CA LEU A 136 -11.22 -9.00 -9.87
C LEU A 136 -12.39 -8.40 -9.17
N CYS A 137 -12.80 -7.16 -9.52
CA CYS A 137 -13.96 -6.57 -8.78
C CYS A 137 -15.29 -7.27 -9.03
N ASP A 138 -15.36 -8.05 -10.09
CA ASP A 138 -16.61 -8.73 -10.40
C ASP A 138 -16.67 -10.12 -9.78
N LEU A 139 -15.58 -10.55 -9.16
CA LEU A 139 -15.55 -11.87 -8.52
C LEU A 139 -16.63 -12.16 -7.48
N LYS A 140 -17.15 -13.37 -7.54
CA LYS A 140 -18.17 -13.84 -6.61
C LYS A 140 -17.55 -14.92 -5.70
N PRO A 141 -18.01 -14.99 -4.45
CA PRO A 141 -17.47 -16.01 -3.54
C PRO A 141 -17.57 -17.39 -4.18
N GLY A 142 -16.48 -18.15 -4.19
CA GLY A 142 -16.51 -19.41 -4.87
C GLY A 142 -15.76 -19.42 -6.18
N ALA A 143 -15.59 -18.26 -6.80
CA ALA A 143 -14.85 -18.23 -8.01
C ALA A 143 -13.36 -18.50 -7.80
N GLU A 144 -12.73 -19.07 -8.85
CA GLU A 144 -11.29 -19.36 -8.83
C GLU A 144 -10.46 -18.24 -9.39
N VAL A 145 -9.22 -18.16 -8.89
CA VAL A 145 -8.32 -17.09 -9.32
C VAL A 145 -6.91 -17.60 -9.38
N LYS A 146 -6.21 -17.28 -10.47
CA LYS A 146 -4.85 -17.76 -10.66
C LYS A 146 -3.90 -16.69 -10.12
N LEU A 147 -3.03 -17.10 -9.21
CA LEU A 147 -2.09 -16.20 -8.55
C LEU A 147 -0.70 -16.70 -8.68
N THR A 148 0.23 -15.76 -8.64
CA THR A 148 1.69 -16.03 -8.72
C THR A 148 2.41 -15.29 -7.63
N GLY A 149 3.67 -15.61 -7.41
CA GLY A 149 4.43 -14.89 -6.41
C GLY A 149 4.80 -15.80 -5.22
N PRO A 150 5.11 -15.21 -4.08
CA PRO A 150 5.06 -13.76 -3.81
C PRO A 150 6.20 -13.06 -4.51
N VAL A 151 6.06 -11.74 -4.64
CA VAL A 151 7.04 -10.88 -5.30
C VAL A 151 7.47 -9.74 -4.39
N GLY A 152 8.75 -9.33 -4.47
CA GLY A 152 9.10 -8.12 -3.73
C GLY A 152 9.99 -8.25 -2.55
N LYS A 153 10.83 -7.24 -2.46
CA LYS A 153 11.65 -7.04 -1.29
C LYS A 153 11.72 -5.58 -0.90
N GLU A 154 11.36 -4.68 -1.81
CA GLU A 154 11.45 -3.27 -1.56
C GLU A 154 10.63 -2.78 -0.36
N MET A 155 9.40 -3.29 -0.20
CA MET A 155 8.53 -2.79 0.81
C MET A 155 8.49 -3.63 2.07
N LEU A 156 9.50 -4.45 2.30
CA LEU A 156 9.53 -5.21 3.56
C LEU A 156 9.71 -4.30 4.78
N MET A 157 9.19 -4.68 5.95
CA MET A 157 9.33 -3.83 7.11
C MET A 157 10.75 -3.88 7.67
N PRO A 158 11.04 -2.83 8.40
CA PRO A 158 12.33 -2.79 9.08
C PRO A 158 12.39 -3.84 10.20
N LYS A 159 13.54 -4.40 10.38
CA LYS A 159 13.73 -5.35 11.50
C LYS A 159 13.57 -4.62 12.81
N ASP A 160 13.98 -3.35 12.89
CA ASP A 160 13.91 -2.59 14.19
C ASP A 160 12.50 -2.35 14.78
N PRO A 161 12.15 -3.04 15.88
CA PRO A 161 10.82 -2.87 16.46
C PRO A 161 10.60 -1.50 17.12
N ASN A 162 11.65 -0.71 17.29
CA ASN A 162 11.51 0.61 17.80
C ASN A 162 11.65 1.74 16.77
N ALA A 163 11.64 1.41 15.50
CA ALA A 163 11.73 2.33 14.40
C ALA A 163 10.59 3.33 14.35
N THR A 164 10.91 4.47 13.68
CA THR A 164 9.89 5.46 13.35
C THR A 164 9.59 5.12 11.91
N ILE A 165 8.36 4.76 11.65
CA ILE A 165 7.99 4.34 10.29
C ILE A 165 6.98 5.33 9.74
N ILE A 166 7.36 6.08 8.70
CA ILE A 166 6.40 7.01 8.10
C ILE A 166 5.87 6.40 6.79
N MET A 167 4.56 6.31 6.66
CA MET A 167 3.89 5.67 5.54
C MET A 167 3.08 6.66 4.78
N LEU A 168 3.44 6.82 3.49
CA LEU A 168 2.76 7.79 2.60
C LEU A 168 2.04 7.08 1.47
N GLY A 169 0.71 7.03 1.51
CA GLY A 169 0.05 6.32 0.41
C GLY A 169 -1.04 7.18 -0.21
N THR A 170 -1.38 6.85 -1.47
CA THR A 170 -2.48 7.45 -2.15
C THR A 170 -3.36 6.27 -2.62
N GLY A 171 -4.65 6.39 -2.40
CA GLY A 171 -5.62 5.37 -2.91
C GLY A 171 -5.25 3.97 -2.44
N THR A 172 -5.20 3.05 -3.40
CA THR A 172 -4.90 1.63 -3.16
C THR A 172 -3.50 1.47 -2.61
N GLY A 173 -2.80 2.54 -2.58
CA GLY A 173 -1.45 2.42 -2.08
C GLY A 173 -1.46 2.24 -0.62
N ILE A 174 -2.64 2.34 -0.02
CA ILE A 174 -2.77 2.03 1.42
C ILE A 174 -2.44 0.54 1.65
N ALA A 175 -2.58 -0.34 0.63
CA ALA A 175 -2.48 -1.80 0.83
C ALA A 175 -1.35 -2.34 1.72
N PRO A 176 -0.09 -2.02 1.42
CA PRO A 176 0.99 -2.61 2.19
C PRO A 176 1.01 -2.06 3.63
N PHE A 177 0.43 -0.87 3.82
CA PHE A 177 0.48 -0.26 5.11
C PHE A 177 -0.58 -0.88 5.98
N ARG A 178 -1.64 -1.34 5.36
CA ARG A 178 -2.62 -2.07 6.12
C ARG A 178 -2.00 -3.36 6.64
N SER A 179 -1.19 -3.94 5.78
CA SER A 179 -0.47 -5.16 6.04
C SER A 179 0.42 -4.91 7.23
N PHE A 180 1.24 -3.87 7.15
CA PHE A 180 2.17 -3.60 8.26
C PHE A 180 1.41 -3.40 9.55
N LEU A 181 0.41 -2.51 9.48
CA LEU A 181 -0.31 -2.08 10.71
C LEU A 181 -1.04 -3.22 11.33
N TRP A 182 -1.61 -4.13 10.58
CA TRP A 182 -2.28 -5.25 11.24
C TRP A 182 -1.24 -6.03 12.11
N LYS A 183 -0.08 -6.24 11.55
CA LYS A 183 0.96 -6.99 12.23
C LYS A 183 1.38 -6.27 13.51
N MET A 184 1.55 -4.97 13.38
CA MET A 184 2.00 -4.08 14.47
C MET A 184 1.02 -3.93 15.61
N PHE A 185 -0.24 -3.77 15.24
CA PHE A 185 -1.28 -3.40 16.20
C PHE A 185 -2.42 -4.37 16.41
N PHE A 186 -2.68 -5.32 15.54
CA PHE A 186 -3.83 -6.20 15.77
C PHE A 186 -3.41 -7.62 16.08
N GLU A 187 -2.12 -7.87 16.11
CA GLU A 187 -1.60 -9.22 16.30
C GLU A 187 -0.61 -9.32 17.45
N LYS A 188 -0.59 -10.54 18.05
CA LYS A 188 0.42 -10.93 19.05
C LYS A 188 1.49 -11.82 18.44
N HIS A 189 2.76 -11.42 18.52
CA HIS A 189 3.79 -12.24 17.94
C HIS A 189 4.84 -12.58 18.96
N ASP A 190 5.37 -13.78 18.84
CA ASP A 190 6.36 -14.29 19.76
C ASP A 190 7.66 -13.50 19.70
N ASP A 191 8.04 -13.09 18.54
CA ASP A 191 9.32 -12.43 18.38
C ASP A 191 9.25 -11.02 17.88
N TYR A 192 8.11 -10.38 17.99
CA TYR A 192 8.03 -9.01 17.49
C TYR A 192 6.99 -8.24 18.28
N LYS A 193 7.44 -7.16 18.80
CA LYS A 193 6.59 -6.27 19.51
C LYS A 193 6.96 -4.84 19.12
N PHE A 194 6.04 -4.21 18.40
CA PHE A 194 6.32 -2.82 17.98
C PHE A 194 6.13 -1.83 19.10
N ASN A 195 7.14 -1.00 19.22
CA ASN A 195 7.17 0.07 20.21
C ASN A 195 7.64 1.42 19.64
N GLY A 196 7.74 1.60 18.34
CA GLY A 196 8.22 2.85 17.83
C GLY A 196 7.08 3.78 17.58
N LEU A 197 7.21 4.56 16.53
CA LEU A 197 6.19 5.51 16.15
C LEU A 197 5.84 5.22 14.68
N ALA A 198 4.58 4.99 14.40
CA ALA A 198 4.07 4.78 13.08
C ALA A 198 3.25 5.96 12.69
N TRP A 199 3.47 6.53 11.48
CA TRP A 199 2.71 7.73 11.15
C TRP A 199 2.23 7.50 9.72
N LEU A 200 0.93 7.38 9.55
CA LEU A 200 0.38 7.13 8.27
C LEU A 200 -0.19 8.45 7.73
N PHE A 201 0.13 8.75 6.46
CA PHE A 201 -0.57 9.83 5.72
C PHE A 201 -1.29 9.11 4.59
N LEU A 202 -2.58 9.39 4.44
CA LEU A 202 -3.34 8.74 3.35
C LEU A 202 -4.14 9.75 2.53
N GLY A 203 -3.79 9.84 1.23
CA GLY A 203 -4.46 10.74 0.27
C GLY A 203 -5.59 10.00 -0.48
N VAL A 204 -6.84 10.42 -0.30
CA VAL A 204 -8.01 9.86 -1.02
C VAL A 204 -8.86 11.04 -1.53
N PRO A 205 -9.83 10.87 -2.47
CA PRO A 205 -10.59 12.03 -3.01
C PRO A 205 -11.76 12.52 -2.15
N THR A 206 -12.45 11.57 -1.52
CA THR A 206 -13.61 11.93 -0.74
C THR A 206 -13.74 11.16 0.54
N SER A 207 -14.60 11.64 1.40
CA SER A 207 -14.79 10.98 2.69
C SER A 207 -15.43 9.59 2.49
N SER A 208 -16.10 9.41 1.39
CA SER A 208 -16.72 8.12 1.10
C SER A 208 -15.64 7.22 0.55
N SER A 209 -14.39 7.77 0.40
CA SER A 209 -13.21 7.02 -0.09
C SER A 209 -12.13 6.80 1.00
N LEU A 210 -12.45 7.05 2.27
CA LEU A 210 -11.40 6.86 3.31
C LEU A 210 -11.22 5.35 3.64
N LEU A 211 -10.40 4.65 2.83
CA LEU A 211 -10.23 3.20 2.96
C LEU A 211 -9.71 2.75 4.36
N TYR A 212 -10.39 1.75 4.97
CA TYR A 212 -10.04 1.11 6.20
C TYR A 212 -9.96 2.06 7.38
N LYS A 213 -10.56 3.24 7.23
CA LYS A 213 -10.55 4.22 8.34
C LYS A 213 -11.03 3.64 9.67
N GLU A 214 -12.08 2.82 9.67
CA GLU A 214 -12.55 2.25 10.92
C GLU A 214 -11.53 1.36 11.65
N GLU A 215 -10.71 0.67 10.86
CA GLU A 215 -9.67 -0.16 11.39
C GLU A 215 -8.59 0.74 11.95
N PHE A 216 -8.18 1.81 11.21
CA PHE A 216 -7.12 2.65 11.70
C PHE A 216 -7.57 3.41 12.97
N GLU A 217 -8.89 3.73 13.07
CA GLU A 217 -9.37 4.43 14.27
C GLU A 217 -9.28 3.51 15.53
N LYS A 218 -9.46 2.17 15.34
CA LYS A 218 -9.32 1.19 16.41
C LYS A 218 -7.89 1.06 16.81
N MET A 219 -6.98 1.12 15.84
CA MET A 219 -5.59 1.05 16.15
C MET A 219 -5.12 2.22 17.00
N LYS A 220 -5.62 3.36 16.62
CA LYS A 220 -5.21 4.60 17.26
C LYS A 220 -5.64 4.62 18.73
N GLU A 221 -6.82 4.12 18.93
CA GLU A 221 -7.31 3.95 20.28
C GLU A 221 -6.43 3.01 21.09
N LYS A 222 -5.92 1.90 20.51
CA LYS A 222 -5.10 0.90 21.21
C LYS A 222 -3.76 1.43 21.60
N ALA A 223 -3.12 2.16 20.69
CA ALA A 223 -1.72 2.61 20.85
C ALA A 223 -1.63 4.07 20.58
N PRO A 224 -2.24 4.90 21.42
CA PRO A 224 -2.24 6.30 21.14
C PRO A 224 -0.87 6.92 21.04
N ASP A 225 0.12 6.34 21.68
CA ASP A 225 1.41 6.96 21.64
C ASP A 225 2.28 6.42 20.53
N ASN A 226 1.78 5.42 19.87
CA ASN A 226 2.63 4.82 18.91
C ASN A 226 2.08 5.02 17.51
N PHE A 227 0.95 5.67 17.35
CA PHE A 227 0.40 5.76 16.00
C PHE A 227 -0.23 7.07 15.76
N ARG A 228 0.17 7.72 14.66
CA ARG A 228 -0.40 9.03 14.23
C ARG A 228 -1.03 8.84 12.90
N LEU A 229 -2.08 9.57 12.70
CA LEU A 229 -2.87 9.34 11.48
C LEU A 229 -3.30 10.70 10.87
N ASP A 230 -3.08 10.90 9.56
CA ASP A 230 -3.49 12.12 8.89
C ASP A 230 -4.04 11.79 7.53
N PHE A 231 -5.18 12.35 7.24
CA PHE A 231 -5.84 12.13 5.95
C PHE A 231 -5.72 13.35 5.10
N ALA A 232 -5.62 13.22 3.80
CA ALA A 232 -5.60 14.35 2.86
C ALA A 232 -6.74 14.08 1.85
N VAL A 233 -7.97 14.64 2.13
CA VAL A 233 -9.17 14.40 1.31
C VAL A 233 -9.26 15.44 0.24
N SER A 234 -8.56 15.16 -0.82
CA SER A 234 -8.36 16.04 -1.93
C SER A 234 -9.56 16.88 -2.39
N ARG A 235 -10.75 16.32 -2.49
CA ARG A 235 -11.85 17.09 -3.04
C ARG A 235 -12.69 17.73 -2.01
N GLU A 236 -12.26 17.70 -0.76
CA GLU A 236 -13.12 18.24 0.25
C GLU A 236 -12.40 19.17 1.16
N GLN A 237 -11.11 19.08 1.09
CA GLN A 237 -10.28 19.86 1.94
C GLN A 237 -9.37 20.75 1.13
N THR A 238 -9.15 21.96 1.66
CA THR A 238 -8.26 22.92 1.03
C THR A 238 -7.40 23.50 2.09
N ASN A 239 -6.21 23.93 1.72
CA ASN A 239 -5.48 24.61 2.75
C ASN A 239 -5.92 26.10 2.75
N GLU A 240 -5.34 26.83 3.68
CA GLU A 240 -5.49 28.26 3.89
C GLU A 240 -5.55 29.07 2.56
N LYS A 241 -4.61 28.79 1.66
CA LYS A 241 -4.61 29.42 0.38
C LYS A 241 -5.74 28.87 -0.47
N GLY A 242 -6.53 27.98 0.11
CA GLY A 242 -7.61 27.36 -0.64
C GLY A 242 -7.08 26.37 -1.69
N GLU A 243 -5.90 25.77 -1.41
CA GLU A 243 -5.30 24.78 -2.31
C GLU A 243 -5.88 23.41 -1.98
N LYS A 244 -5.94 22.53 -2.98
CA LYS A 244 -6.42 21.15 -2.83
C LYS A 244 -5.55 20.32 -1.90
N MET A 245 -6.17 19.64 -0.91
CA MET A 245 -5.42 18.84 0.06
C MET A 245 -4.83 17.52 -0.48
N TYR A 246 -3.70 17.59 -1.16
CA TYR A 246 -3.00 16.40 -1.54
C TYR A 246 -2.14 16.01 -0.36
N ILE A 247 -1.67 14.80 -0.39
CA ILE A 247 -0.85 14.28 0.66
C ILE A 247 0.33 15.20 0.95
N GLN A 248 1.00 15.70 -0.09
CA GLN A 248 2.13 16.59 0.11
C GLN A 248 1.66 17.89 0.75
N THR A 249 0.42 18.23 0.46
CA THR A 249 -0.15 19.42 0.99
C THR A 249 -0.33 19.24 2.46
N ARG A 250 -0.77 18.08 2.82
CA ARG A 250 -0.97 17.83 4.22
C ARG A 250 0.37 17.67 4.95
N MET A 251 1.39 17.09 4.30
CA MET A 251 2.75 16.90 4.87
C MET A 251 3.39 18.22 5.29
N ALA A 252 3.15 19.25 4.46
CA ALA A 252 3.75 20.56 4.66
C ALA A 252 3.37 21.19 5.97
N GLN A 253 2.17 20.88 6.40
CA GLN A 253 1.72 21.33 7.67
C GLN A 253 2.58 20.74 8.79
N TYR A 254 3.38 19.68 8.53
CA TYR A 254 4.20 19.09 9.59
C TYR A 254 5.67 19.08 9.27
N ALA A 255 6.04 19.98 8.40
CA ALA A 255 7.34 20.05 7.79
C ALA A 255 8.51 20.04 8.69
N VAL A 256 8.41 20.80 9.75
CA VAL A 256 9.51 20.92 10.64
C VAL A 256 9.73 19.60 11.33
N GLU A 257 8.61 19.05 11.77
CA GLU A 257 8.57 17.79 12.44
C GLU A 257 9.14 16.59 11.65
N LEU A 258 8.67 16.53 10.45
CA LEU A 258 9.07 15.47 9.54
C LEU A 258 10.51 15.61 9.20
N TRP A 259 10.94 16.85 8.95
CA TRP A 259 12.31 17.07 8.61
C TRP A 259 13.22 16.58 9.75
N GLU A 260 12.80 16.87 10.97
CA GLU A 260 13.62 16.45 12.10
C GLU A 260 13.72 14.92 12.10
N MET A 261 12.56 14.27 11.82
CA MET A 261 12.50 12.83 11.83
C MET A 261 13.42 12.24 10.82
N LEU A 262 13.46 12.85 9.65
CA LEU A 262 14.31 12.34 8.55
C LEU A 262 15.78 12.33 8.86
N LYS A 263 16.19 13.11 9.86
CA LYS A 263 17.59 13.20 10.21
C LYS A 263 18.06 12.10 11.12
N LYS A 264 17.12 11.27 11.56
CA LYS A 264 17.51 10.23 12.49
C LYS A 264 17.71 8.91 11.79
N ASP A 265 18.66 8.19 12.23
CA ASP A 265 18.99 6.90 11.62
C ASP A 265 17.91 5.81 11.76
N ASN A 266 17.00 5.93 12.75
CA ASN A 266 15.96 4.92 12.97
C ASN A 266 14.63 5.24 12.34
N THR A 267 14.66 6.16 11.39
CA THR A 267 13.45 6.57 10.65
C THR A 267 13.43 5.91 9.25
N TYR A 268 12.28 5.31 8.93
CA TYR A 268 12.15 4.65 7.62
C TYR A 268 10.94 5.18 6.92
N VAL A 269 11.08 5.61 5.66
CA VAL A 269 9.97 6.13 4.90
C VAL A 269 9.57 5.11 3.81
N TYR A 270 8.24 4.92 3.71
CA TYR A 270 7.71 4.03 2.70
C TYR A 270 6.70 4.76 1.86
N MET A 271 6.75 4.64 0.53
CA MET A 271 5.75 5.44 -0.18
C MET A 271 5.04 4.53 -1.14
N CYS A 272 3.72 4.58 -1.21
CA CYS A 272 3.12 3.63 -2.17
C CYS A 272 1.91 4.22 -2.80
N GLY A 273 1.67 4.05 -4.11
CA GLY A 273 0.40 4.55 -4.65
C GLY A 273 0.69 5.13 -6.07
N LEU A 274 -0.05 6.19 -6.45
CA LEU A 274 0.18 6.84 -7.78
C LEU A 274 1.59 7.43 -7.98
N LYS A 275 2.17 7.13 -9.16
CA LYS A 275 3.43 7.65 -9.59
C LYS A 275 3.47 9.16 -9.40
N GLY A 276 2.36 9.77 -9.63
CA GLY A 276 2.30 11.18 -9.47
C GLY A 276 2.71 11.70 -8.09
N MET A 277 2.39 10.99 -7.02
CA MET A 277 2.70 11.54 -5.71
C MET A 277 4.18 11.71 -5.51
N GLU A 278 4.96 10.91 -6.17
CA GLU A 278 6.36 11.01 -5.92
C GLU A 278 6.96 12.41 -6.21
N LYS A 279 6.54 13.04 -7.30
CA LYS A 279 7.05 14.35 -7.64
C LYS A 279 6.58 15.40 -6.69
N GLY A 280 5.35 15.32 -6.34
CA GLY A 280 4.82 16.32 -5.46
C GLY A 280 5.57 16.33 -4.16
N ILE A 281 6.02 15.16 -3.72
CA ILE A 281 6.66 15.12 -2.45
C ILE A 281 8.08 15.63 -2.58
N ASP A 282 8.69 15.32 -3.70
CA ASP A 282 10.02 15.80 -3.92
C ASP A 282 10.04 17.36 -3.96
N ASP A 283 8.99 17.91 -4.58
CA ASP A 283 8.72 19.36 -4.59
C ASP A 283 8.73 19.96 -3.19
N ILE A 284 8.00 19.41 -2.25
CA ILE A 284 8.13 19.86 -0.86
C ILE A 284 9.54 19.65 -0.23
N MET A 285 10.18 18.52 -0.47
CA MET A 285 11.40 18.23 0.26
C MET A 285 12.57 19.08 -0.22
N VAL A 286 12.57 19.31 -1.55
CA VAL A 286 13.63 20.13 -2.14
C VAL A 286 13.81 21.44 -1.34
N SER A 287 12.66 22.06 -1.08
CA SER A 287 12.59 23.32 -0.38
C SER A 287 12.91 23.22 1.09
N LEU A 288 12.45 22.12 1.71
CA LEU A 288 12.73 21.96 3.12
C LEU A 288 14.22 21.80 3.33
N ALA A 289 14.79 21.02 2.46
CA ALA A 289 16.19 20.74 2.70
C ALA A 289 17.05 21.95 2.36
N ALA A 290 16.67 22.64 1.31
CA ALA A 290 17.55 23.71 0.87
C ALA A 290 17.67 24.73 1.98
N ALA A 291 16.64 24.79 2.76
CA ALA A 291 16.69 25.74 3.85
C ALA A 291 17.72 25.41 4.91
N GLU A 292 18.15 24.19 4.93
CA GLU A 292 19.15 23.81 5.86
C GLU A 292 20.42 23.65 5.15
N GLY A 293 20.42 24.04 3.88
CA GLY A 293 21.70 23.93 3.25
C GLY A 293 21.98 22.52 2.75
N ILE A 294 20.91 21.78 2.54
CA ILE A 294 21.08 20.40 2.04
C ILE A 294 20.49 20.20 0.65
N ASP A 295 21.20 19.43 -0.23
CA ASP A 295 20.70 19.14 -1.57
C ASP A 295 19.79 17.87 -1.45
N TRP A 296 18.43 18.02 -1.55
CA TRP A 296 17.49 16.89 -1.41
C TRP A 296 17.86 15.72 -2.28
N ILE A 297 18.27 16.01 -3.50
CA ILE A 297 18.64 14.96 -4.40
C ILE A 297 19.76 14.08 -3.88
N GLU A 298 20.80 14.66 -3.26
CA GLU A 298 21.84 13.78 -2.71
C GLU A 298 21.41 13.11 -1.40
N TYR A 299 20.71 13.88 -0.59
CA TYR A 299 20.30 13.36 0.71
C TYR A 299 19.38 12.17 0.44
N LYS A 300 18.39 12.36 -0.42
CA LYS A 300 17.52 11.24 -0.77
C LYS A 300 18.29 10.02 -1.26
N ARG A 301 19.32 10.25 -2.04
CA ARG A 301 20.10 9.12 -2.51
C ARG A 301 20.79 8.41 -1.36
N GLN A 302 21.23 9.17 -0.41
CA GLN A 302 21.84 8.55 0.70
C GLN A 302 20.80 7.77 1.47
N LEU A 303 19.61 8.36 1.66
CA LEU A 303 18.57 7.59 2.39
C LEU A 303 18.21 6.31 1.72
N LYS A 304 18.06 6.34 0.40
CA LYS A 304 17.68 5.14 -0.37
C LYS A 304 18.73 4.05 -0.19
N LYS A 305 19.97 4.47 -0.18
CA LYS A 305 21.06 3.51 0.00
C LYS A 305 21.09 2.92 1.41
N ALA A 306 20.57 3.67 2.39
CA ALA A 306 20.57 3.24 3.80
C ALA A 306 19.28 2.50 4.19
N GLU A 307 18.49 2.25 3.15
CA GLU A 307 17.25 1.55 3.19
C GLU A 307 16.21 2.31 3.94
N GLN A 308 16.33 3.61 3.98
CA GLN A 308 15.33 4.42 4.69
C GLN A 308 14.26 5.08 3.82
N TRP A 309 14.35 5.00 2.49
CA TRP A 309 13.44 5.69 1.67
C TRP A 309 13.02 4.62 0.67
N ASN A 310 11.82 4.08 0.83
CA ASN A 310 11.36 2.89 0.12
C ASN A 310 10.14 3.20 -0.70
N VAL A 311 10.22 2.93 -2.00
CA VAL A 311 9.17 3.42 -2.90
C VAL A 311 8.58 2.34 -3.84
N GLU A 312 7.25 2.33 -3.89
CA GLU A 312 6.52 1.44 -4.84
C GLU A 312 5.34 2.21 -5.45
N VAL A 313 5.58 2.92 -6.58
CA VAL A 313 4.46 3.69 -7.12
C VAL A 313 4.09 3.15 -8.50
N TYR A 314 2.90 3.43 -8.95
CA TYR A 314 2.57 2.79 -10.22
C TYR A 314 1.44 3.60 -10.84
#